data_7EWT
#
_entry.id   7EWT
#
_cell.length_a   76.789
_cell.length_b   82.261
_cell.length_c   116.925
_cell.angle_alpha   90.000
_cell.angle_beta   90.000
_cell.angle_gamma   90.000
#
_symmetry.space_group_name_H-M   'P 21 21 21'
#
_entity_poly.entity_id   1
_entity_poly.type   'polypeptide(L)'
_entity_poly.pdbx_seq_one_letter_code
;LARVAEALGSSEQALRLIVSILMGYPFALFQRYFLFQKETYLIHLYNVFTGLSIAYFNFGMQFFHSLLCVLIQFLILRLM
GRTVTAVFTTFVFQMTYLMAGYYFTATEHYDIKWTMPHCVLTLKLIGLAIDYYDGGKDPELLTPEQRRFAVRGVPTLLEV
SGFSYFYGAFMVGPQFSMTDYQKLAKGEMTDVPGQRPNSFVPALKRLSLGLLFLVTYTLSSPYISEEYLISDDYMEKPFW
FRCGYILVWGKIILYKYVTCWLVTEGVCILVGLGYNGNDQNGKPVWDACANMKVWLYETTPLFTGTIASFNINTNAWVAR
YVFKRLKFLGNKLLSQALALFFLAIWHGLHSGYLVCFQMELLIVIVERQVINLVRDSPTLSTLASITALQPIFYVLQQTN
HWMFMGYSLVPFCLFTWDKWMKVYKSIYFLGHVLFFTLLLVLPYIRKL
;
_entity_poly.pdbx_strand_id   A
#
# COMPACT_ATOMS: atom_id res chain seq x y z
N LEU A 1 27.56 6.93 -11.02
CA LEU A 1 26.54 5.92 -11.22
C LEU A 1 26.14 5.25 -9.90
N ALA A 2 27.11 4.61 -9.23
CA ALA A 2 26.93 3.91 -7.95
C ALA A 2 27.40 4.76 -6.77
N ARG A 3 28.26 5.77 -7.03
CA ARG A 3 28.80 6.69 -6.02
C ARG A 3 27.73 7.65 -5.51
N VAL A 4 26.70 7.94 -6.33
CA VAL A 4 25.55 8.79 -6.00
C VAL A 4 24.67 8.02 -4.97
N ALA A 5 24.59 6.68 -5.13
CA ALA A 5 23.85 5.76 -4.27
C ALA A 5 24.56 5.47 -2.93
N GLU A 6 25.83 5.90 -2.80
CA GLU A 6 26.64 5.71 -1.60
C GLU A 6 26.84 7.00 -0.81
N ALA A 7 26.81 8.16 -1.50
CA ALA A 7 27.02 9.49 -0.92
C ALA A 7 25.96 9.94 0.08
N LEU A 8 24.66 9.81 -0.26
CA LEU A 8 23.57 10.26 0.61
C LEU A 8 23.35 9.33 1.83
N GLY A 9 23.20 8.04 1.58
CA GLY A 9 23.00 7.05 2.65
C GLY A 9 22.21 5.82 2.28
N SER A 10 21.15 5.96 1.45
CA SER A 10 20.27 4.88 1.02
C SER A 10 20.96 3.77 0.19
N SER A 11 20.22 2.68 -0.13
CA SER A 11 20.73 1.53 -0.90
C SER A 11 21.03 1.86 -2.38
N GLU A 12 21.74 0.93 -3.05
CA GLU A 12 22.14 1.04 -4.46
C GLU A 12 20.93 1.06 -5.40
N GLN A 13 19.99 0.11 -5.22
CA GLN A 13 18.76 0.00 -6.02
C GLN A 13 17.77 1.11 -5.65
N ALA A 14 17.82 1.58 -4.38
CA ALA A 14 16.97 2.63 -3.82
C ALA A 14 17.13 3.96 -4.56
N LEU A 15 18.34 4.23 -5.09
CA LEU A 15 18.66 5.42 -5.86
C LEU A 15 18.02 5.31 -7.25
N ARG A 16 18.08 4.11 -7.87
CA ARG A 16 17.49 3.84 -9.19
C ARG A 16 15.96 3.91 -9.16
N LEU A 17 15.36 3.65 -7.98
CA LEU A 17 13.91 3.70 -7.75
C LEU A 17 13.45 5.14 -7.53
N ILE A 18 14.17 5.92 -6.68
CA ILE A 18 13.83 7.32 -6.39
C ILE A 18 14.00 8.18 -7.65
N VAL A 19 15.02 7.87 -8.50
CA VAL A 19 15.27 8.52 -9.78
C VAL A 19 14.08 8.23 -10.70
N SER A 20 13.60 6.97 -10.70
CA SER A 20 12.47 6.49 -11.50
C SER A 20 11.16 7.18 -11.11
N ILE A 21 10.93 7.37 -9.79
CA ILE A 21 9.73 8.03 -9.27
C ILE A 21 9.81 9.55 -9.54
N LEU A 22 11.00 10.16 -9.35
CA LEU A 22 11.21 11.58 -9.65
C LEU A 22 11.19 11.86 -11.15
N MET A 23 11.48 10.83 -11.99
CA MET A 23 11.48 10.90 -13.46
C MET A 23 10.05 11.06 -14.00
N GLY A 24 9.06 10.81 -13.15
CA GLY A 24 7.65 10.95 -13.47
C GLY A 24 7.27 12.38 -13.84
N TYR A 25 7.81 13.38 -13.09
CA TYR A 25 7.57 14.81 -13.28
C TYR A 25 8.02 15.35 -14.65
N PRO A 26 9.29 15.19 -15.14
CA PRO A 26 9.63 15.69 -16.49
C PRO A 26 8.81 15.01 -17.59
N PHE A 27 8.36 13.76 -17.35
CA PHE A 27 7.50 13.00 -18.26
C PHE A 27 6.06 13.50 -18.18
N ALA A 28 5.68 14.07 -17.04
CA ALA A 28 4.31 14.61 -16.88
C ALA A 28 4.28 16.03 -17.46
N LEU A 29 5.40 16.46 -18.04
CA LEU A 29 5.47 17.82 -18.65
C LEU A 29 4.95 17.71 -20.07
N PHE A 30 4.55 16.51 -20.48
CA PHE A 30 4.08 16.33 -21.88
C PHE A 30 2.56 16.20 -21.80
N GLN A 31 2.10 15.62 -20.69
CA GLN A 31 0.63 15.54 -20.48
C GLN A 31 0.21 16.91 -19.95
N ARG A 32 1.18 17.79 -19.73
CA ARG A 32 0.83 19.17 -19.30
C ARG A 32 0.03 19.82 -20.43
N TYR A 33 0.50 19.68 -21.68
CA TYR A 33 -0.15 20.41 -22.80
C TYR A 33 -0.64 19.45 -23.87
N PHE A 34 0.04 18.32 -24.04
CA PHE A 34 -0.34 17.40 -25.14
C PHE A 34 -1.52 16.54 -24.69
N LEU A 35 -1.98 16.70 -23.45
CA LEU A 35 -3.23 15.98 -23.03
C LEU A 35 -4.44 16.56 -23.76
N PHE A 36 -4.54 17.89 -23.88
CA PHE A 36 -5.72 18.55 -24.51
C PHE A 36 -5.67 18.22 -26.00
N GLN A 37 -4.64 17.47 -26.40
CA GLN A 37 -4.45 17.06 -27.78
C GLN A 37 -5.57 16.09 -28.18
N LYS A 38 -6.25 16.40 -29.31
CA LYS A 38 -7.40 15.65 -29.85
C LYS A 38 -7.15 14.14 -30.03
N GLU A 39 -5.91 13.74 -30.41
CA GLU A 39 -5.55 12.33 -30.62
C GLU A 39 -5.36 11.62 -29.28
N THR A 40 -6.09 10.50 -29.08
CA THR A 40 -6.04 9.70 -27.85
C THR A 40 -5.09 8.51 -27.95
N TYR A 41 -4.89 7.95 -29.16
CA TYR A 41 -4.00 6.80 -29.40
C TYR A 41 -2.51 7.15 -29.17
N LEU A 42 -2.18 8.46 -29.16
CA LEU A 42 -0.85 8.97 -28.90
C LEU A 42 -0.55 8.95 -27.40
N ILE A 43 -1.59 9.20 -26.56
CA ILE A 43 -1.52 9.20 -25.09
C ILE A 43 -1.21 7.78 -24.58
N HIS A 44 -1.92 6.76 -25.11
CA HIS A 44 -1.73 5.35 -24.78
C HIS A 44 -0.31 4.91 -25.16
N LEU A 45 0.18 5.36 -26.32
CA LEU A 45 1.51 5.07 -26.86
C LEU A 45 2.63 5.71 -26.01
N TYR A 46 2.33 6.84 -25.34
CA TYR A 46 3.30 7.52 -24.47
C TYR A 46 3.56 6.68 -23.21
N ASN A 47 2.48 6.20 -22.53
CA ASN A 47 2.55 5.39 -21.32
C ASN A 47 3.32 4.08 -21.52
N VAL A 48 3.13 3.40 -22.66
CA VAL A 48 3.83 2.15 -22.99
C VAL A 48 5.32 2.41 -23.17
N PHE A 49 5.67 3.39 -24.03
CA PHE A 49 7.06 3.79 -24.35
C PHE A 49 7.82 4.33 -23.14
N THR A 50 7.12 4.91 -22.16
CA THR A 50 7.70 5.46 -20.93
C THR A 50 7.82 4.36 -19.87
N GLY A 51 6.73 3.63 -19.65
CA GLY A 51 6.65 2.53 -18.70
C GLY A 51 7.60 1.38 -18.98
N LEU A 52 7.73 1.02 -20.27
CA LEU A 52 8.64 -0.05 -20.72
C LEU A 52 10.10 0.40 -20.52
N SER A 53 10.37 1.71 -20.73
CA SER A 53 11.68 2.34 -20.55
C SER A 53 12.02 2.41 -19.06
N ILE A 54 11.02 2.72 -18.21
CA ILE A 54 11.14 2.80 -16.74
C ILE A 54 11.43 1.42 -16.16
N ALA A 55 10.73 0.38 -16.67
CA ALA A 55 10.91 -1.01 -16.27
C ALA A 55 12.30 -1.50 -16.66
N TYR A 56 12.74 -1.22 -17.92
CA TYR A 56 14.06 -1.58 -18.47
C TYR A 56 15.20 -0.89 -17.72
N PHE A 57 15.06 0.44 -17.44
CA PHE A 57 16.05 1.25 -16.72
C PHE A 57 16.31 0.71 -15.31
N ASN A 58 15.24 0.34 -14.59
CA ASN A 58 15.34 -0.19 -13.23
C ASN A 58 15.83 -1.63 -13.22
N PHE A 59 15.32 -2.47 -14.16
CA PHE A 59 15.69 -3.89 -14.30
C PHE A 59 15.45 -4.40 -15.71
N GLY A 60 16.48 -4.90 -16.38
CA GLY A 60 16.30 -5.32 -17.79
C GLY A 60 15.37 -6.51 -17.94
N MET A 61 15.39 -7.44 -16.97
CA MET A 61 14.58 -8.70 -17.05
C MET A 61 13.07 -8.44 -17.04
N GLN A 62 12.60 -7.50 -16.22
CA GLN A 62 11.14 -7.30 -16.02
C GLN A 62 10.40 -6.91 -17.29
N PHE A 63 11.06 -6.26 -18.25
CA PHE A 63 10.29 -5.73 -19.40
C PHE A 63 9.50 -6.87 -20.07
N PHE A 64 10.11 -8.04 -20.23
CA PHE A 64 9.35 -9.19 -20.80
C PHE A 64 8.24 -9.67 -19.86
N HIS A 65 8.51 -9.79 -18.56
CA HIS A 65 7.51 -10.40 -17.62
C HIS A 65 6.19 -9.63 -17.67
N SER A 66 6.24 -8.33 -17.38
CA SER A 66 5.02 -7.51 -17.33
C SER A 66 4.31 -7.58 -18.67
N LEU A 67 5.06 -7.37 -19.78
CA LEU A 67 4.59 -7.40 -21.16
C LEU A 67 3.89 -8.72 -21.51
N LEU A 68 4.44 -9.86 -21.03
CA LEU A 68 3.90 -11.21 -21.24
C LEU A 68 2.55 -11.34 -20.53
N CYS A 69 2.45 -10.85 -19.29
CA CYS A 69 1.21 -10.86 -18.50
C CYS A 69 0.15 -9.96 -19.13
N VAL A 70 0.58 -8.79 -19.66
CA VAL A 70 -0.28 -7.80 -20.31
C VAL A 70 -0.92 -8.42 -21.58
N LEU A 71 -0.10 -9.03 -22.48
CA LEU A 71 -0.60 -9.64 -23.71
C LEU A 71 -1.47 -10.88 -23.43
N ILE A 72 -1.16 -11.65 -22.35
CA ILE A 72 -1.94 -12.81 -21.95
C ILE A 72 -3.28 -12.35 -21.34
N GLN A 73 -3.30 -11.19 -20.64
CA GLN A 73 -4.53 -10.66 -20.06
C GLN A 73 -5.50 -10.11 -21.10
N PHE A 74 -5.00 -9.47 -22.18
CA PHE A 74 -5.90 -8.99 -23.22
C PHE A 74 -6.24 -10.12 -24.22
N LEU A 75 -5.69 -11.33 -23.96
CA LEU A 75 -5.97 -12.56 -24.70
C LEU A 75 -7.19 -13.22 -24.01
N ILE A 76 -7.36 -12.96 -22.69
CA ILE A 76 -8.49 -13.40 -21.86
C ILE A 76 -9.61 -12.31 -21.93
N LEU A 77 -9.38 -11.28 -22.76
CA LEU A 77 -10.32 -10.20 -23.07
C LEU A 77 -10.99 -10.57 -24.41
N ARG A 78 -10.31 -11.42 -25.20
CA ARG A 78 -10.74 -11.99 -26.47
C ARG A 78 -11.48 -13.29 -26.13
N LEU A 79 -10.77 -14.26 -25.53
CA LEU A 79 -11.30 -15.55 -25.09
C LEU A 79 -12.00 -15.35 -23.75
N MET A 80 -13.02 -16.18 -23.45
CA MET A 80 -13.74 -16.17 -22.14
C MET A 80 -14.62 -14.92 -21.96
N GLY A 81 -14.12 -13.72 -22.27
CA GLY A 81 -14.95 -12.53 -22.04
C GLY A 81 -15.32 -12.40 -20.56
N ARG A 82 -16.61 -12.28 -20.26
CA ARG A 82 -17.04 -12.06 -18.85
C ARG A 82 -17.64 -13.35 -18.25
N THR A 83 -17.53 -14.47 -18.97
CA THR A 83 -18.01 -15.77 -18.40
C THR A 83 -17.24 -15.98 -17.11
N VAL A 84 -17.83 -16.59 -16.08
CA VAL A 84 -17.21 -16.63 -14.72
C VAL A 84 -15.79 -17.22 -14.72
N THR A 85 -15.52 -18.23 -15.54
CA THR A 85 -14.13 -18.76 -15.63
C THR A 85 -13.12 -17.63 -15.78
N ALA A 86 -13.43 -16.58 -16.54
CA ALA A 86 -12.44 -15.52 -16.83
C ALA A 86 -11.88 -14.87 -15.56
N VAL A 87 -12.71 -14.68 -14.53
CA VAL A 87 -12.28 -14.12 -13.24
C VAL A 87 -11.44 -15.17 -12.49
N PHE A 88 -11.86 -16.46 -12.53
CA PHE A 88 -11.17 -17.58 -11.87
C PHE A 88 -9.77 -17.79 -12.43
N THR A 89 -9.61 -17.74 -13.77
CA THR A 89 -8.32 -17.97 -14.42
C THR A 89 -7.38 -16.76 -14.26
N THR A 90 -7.92 -15.52 -14.26
CA THR A 90 -7.15 -14.28 -14.08
C THR A 90 -6.56 -14.24 -12.67
N PHE A 91 -7.39 -14.56 -11.66
CA PHE A 91 -6.99 -14.61 -10.26
C PHE A 91 -5.89 -15.63 -10.04
N VAL A 92 -6.08 -16.88 -10.51
CA VAL A 92 -5.10 -17.96 -10.39
C VAL A 92 -3.81 -17.65 -11.18
N PHE A 93 -3.89 -17.50 -12.54
CA PHE A 93 -2.73 -17.22 -13.41
C PHE A 93 -1.84 -16.08 -12.94
N GLN A 94 -2.44 -14.92 -12.59
CA GLN A 94 -1.68 -13.76 -12.14
C GLN A 94 -0.91 -14.03 -10.86
N MET A 95 -1.52 -14.75 -9.90
CA MET A 95 -0.85 -15.12 -8.64
C MET A 95 0.17 -16.24 -8.90
N THR A 96 -0.11 -17.14 -9.87
CA THR A 96 0.79 -18.24 -10.27
C THR A 96 2.04 -17.67 -10.93
N TYR A 97 1.89 -16.60 -11.74
CA TYR A 97 3.01 -15.93 -12.39
C TYR A 97 3.75 -15.08 -11.37
N LEU A 98 3.00 -14.41 -10.45
CA LEU A 98 3.58 -13.56 -9.42
C LEU A 98 4.41 -14.36 -8.42
N MET A 99 3.84 -15.43 -7.83
CA MET A 99 4.51 -16.29 -6.86
C MET A 99 5.72 -17.03 -7.44
N ALA A 100 5.79 -17.13 -8.79
CA ALA A 100 6.92 -17.72 -9.50
C ALA A 100 8.10 -16.76 -9.41
N GLY A 101 7.81 -15.45 -9.47
CA GLY A 101 8.79 -14.37 -9.37
C GLY A 101 9.52 -14.34 -8.05
N TYR A 102 8.81 -14.64 -6.95
CA TYR A 102 9.37 -14.70 -5.60
C TYR A 102 10.23 -15.94 -5.44
N TYR A 103 9.76 -17.10 -5.96
CA TYR A 103 10.50 -18.36 -5.92
C TYR A 103 11.72 -18.33 -6.85
N PHE A 104 11.71 -17.46 -7.87
CA PHE A 104 12.82 -17.29 -8.80
C PHE A 104 13.32 -15.85 -8.78
N ASP A 111 18.28 -6.39 -3.78
CA ASP A 111 17.18 -6.23 -2.83
C ASP A 111 15.85 -5.93 -3.53
N ILE A 112 15.79 -4.84 -4.32
CA ILE A 112 14.59 -4.44 -5.07
C ILE A 112 14.56 -5.27 -6.35
N LYS A 113 13.79 -6.36 -6.33
CA LYS A 113 13.65 -7.29 -7.45
C LYS A 113 12.66 -6.76 -8.50
N TRP A 114 12.49 -7.48 -9.62
CA TRP A 114 11.56 -7.11 -10.69
C TRP A 114 10.08 -7.30 -10.30
N THR A 115 9.80 -7.88 -9.11
CA THR A 115 8.45 -8.11 -8.61
C THR A 115 7.84 -6.84 -7.97
N MET A 116 8.62 -5.73 -7.94
CA MET A 116 8.20 -4.42 -7.41
C MET A 116 7.01 -3.86 -8.23
N PRO A 117 7.11 -3.63 -9.57
CA PRO A 117 5.93 -3.15 -10.31
C PRO A 117 4.98 -4.29 -10.68
N HIS A 118 5.48 -5.55 -10.68
CA HIS A 118 4.73 -6.75 -11.03
C HIS A 118 3.60 -7.06 -10.05
N CYS A 119 3.81 -6.82 -8.74
CA CYS A 119 2.76 -7.04 -7.73
C CYS A 119 1.64 -6.00 -7.87
N VAL A 120 1.99 -4.81 -8.43
CA VAL A 120 1.09 -3.69 -8.70
C VAL A 120 0.20 -4.01 -9.92
N LEU A 121 0.80 -4.45 -11.05
CA LEU A 121 0.04 -4.79 -12.25
C LEU A 121 -0.79 -6.06 -12.09
N THR A 122 -0.38 -6.98 -11.19
CA THR A 122 -1.12 -8.20 -10.88
C THR A 122 -2.51 -7.78 -10.39
N LEU A 123 -2.55 -6.87 -9.40
CA LEU A 123 -3.76 -6.29 -8.84
C LEU A 123 -4.48 -5.43 -9.89
N LYS A 124 -3.73 -4.71 -10.76
CA LYS A 124 -4.30 -3.87 -11.81
C LYS A 124 -5.01 -4.66 -12.92
N LEU A 125 -4.54 -5.88 -13.23
CA LEU A 125 -5.12 -6.74 -14.25
C LEU A 125 -6.30 -7.56 -13.71
N ILE A 126 -6.25 -7.95 -12.42
CA ILE A 126 -7.32 -8.67 -11.73
C ILE A 126 -8.51 -7.69 -11.60
N GLY A 127 -8.21 -6.45 -11.20
CA GLY A 127 -9.17 -5.35 -11.06
C GLY A 127 -9.84 -5.02 -12.38
N LEU A 128 -9.06 -5.03 -13.48
CA LEU A 128 -9.51 -4.79 -14.86
C LEU A 128 -10.50 -5.90 -15.28
N ALA A 129 -10.21 -7.17 -14.92
CA ALA A 129 -11.05 -8.33 -15.23
C ALA A 129 -12.44 -8.22 -14.61
N ILE A 130 -12.51 -7.80 -13.33
CA ILE A 130 -13.76 -7.61 -12.59
C ILE A 130 -14.49 -6.34 -13.11
N ASP A 131 -13.72 -5.34 -13.62
CA ASP A 131 -14.27 -4.12 -14.21
C ASP A 131 -14.90 -4.43 -15.57
N TYR A 132 -14.26 -5.34 -16.36
CA TYR A 132 -14.73 -5.78 -17.67
C TYR A 132 -15.93 -6.71 -17.51
N TYR A 133 -16.07 -7.32 -16.32
CA TYR A 133 -17.18 -8.19 -15.94
C TYR A 133 -18.44 -7.37 -15.69
N LEU A 142 -26.24 -4.00 -10.11
CA LEU A 142 -24.98 -3.47 -9.60
C LEU A 142 -25.20 -2.38 -8.55
N THR A 143 -24.25 -2.28 -7.60
CA THR A 143 -24.28 -1.27 -6.53
C THR A 143 -23.92 0.13 -7.10
N PRO A 144 -24.15 1.27 -6.40
CA PRO A 144 -23.80 2.58 -6.98
C PRO A 144 -22.34 2.74 -7.43
N GLU A 145 -21.41 2.06 -6.73
CA GLU A 145 -19.99 2.06 -7.05
C GLU A 145 -19.73 1.16 -8.25
N GLN A 146 -20.27 -0.08 -8.23
CA GLN A 146 -20.15 -1.09 -9.29
C GLN A 146 -20.72 -0.65 -10.64
N ARG A 147 -21.83 0.11 -10.63
CA ARG A 147 -22.51 0.63 -11.83
C ARG A 147 -21.66 1.71 -12.56
N ARG A 148 -20.69 2.32 -11.85
CA ARG A 148 -19.78 3.34 -12.38
C ARG A 148 -18.42 2.72 -12.78
N PHE A 149 -17.82 1.94 -11.85
CA PHE A 149 -16.51 1.27 -12.00
C PHE A 149 -16.44 0.21 -13.12
N ALA A 150 -17.61 -0.25 -13.64
CA ALA A 150 -17.66 -1.23 -14.72
C ALA A 150 -17.34 -0.58 -16.06
N VAL A 151 -16.62 -1.29 -16.95
CA VAL A 151 -16.24 -0.78 -18.26
C VAL A 151 -17.20 -1.27 -19.36
N ARG A 152 -17.19 -0.58 -20.51
CA ARG A 152 -18.03 -0.88 -21.67
C ARG A 152 -17.19 -1.40 -22.84
N GLY A 153 -17.64 -2.52 -23.42
CA GLY A 153 -16.99 -3.17 -24.56
C GLY A 153 -15.64 -3.75 -24.24
N LEU A 157 -6.73 -3.60 -27.14
CA LEU A 157 -5.37 -3.89 -27.62
C LEU A 157 -4.39 -2.91 -26.97
N LEU A 158 -4.46 -1.61 -27.35
CA LEU A 158 -3.63 -0.52 -26.84
C LEU A 158 -4.10 -0.10 -25.45
N GLU A 159 -5.41 -0.25 -25.18
CA GLU A 159 -6.09 0.11 -23.93
C GLU A 159 -5.49 -0.62 -22.72
N VAL A 160 -5.31 -1.94 -22.82
CA VAL A 160 -4.76 -2.81 -21.76
C VAL A 160 -3.25 -2.55 -21.57
N SER A 161 -2.52 -2.32 -22.68
CA SER A 161 -1.09 -2.06 -22.67
C SER A 161 -0.75 -0.67 -22.08
N GLY A 162 -1.57 0.33 -22.41
CA GLY A 162 -1.41 1.70 -21.93
C GLY A 162 -1.71 1.88 -20.46
N PHE A 163 -2.81 1.25 -20.00
CA PHE A 163 -3.30 1.27 -18.61
C PHE A 163 -2.32 0.63 -17.64
N SER A 164 -1.67 -0.47 -18.06
CA SER A 164 -0.71 -1.21 -17.25
C SER A 164 0.63 -0.51 -17.10
N TYR A 165 1.10 0.17 -18.16
CA TYR A 165 2.40 0.82 -18.21
C TYR A 165 2.41 2.32 -17.83
N PHE A 166 1.29 2.88 -17.32
CA PHE A 166 1.22 4.30 -16.93
C PHE A 166 2.35 4.65 -15.95
N TYR A 167 3.23 5.58 -16.36
CA TYR A 167 4.42 6.03 -15.63
C TYR A 167 4.16 6.56 -14.22
N GLY A 168 3.06 7.28 -14.04
CA GLY A 168 2.68 7.85 -12.75
C GLY A 168 2.42 6.82 -11.68
N ALA A 169 1.79 5.71 -12.06
CA ALA A 169 1.47 4.59 -11.15
C ALA A 169 1.85 3.25 -11.79
N PHE A 170 3.15 2.89 -11.69
CA PHE A 170 3.70 1.65 -12.26
C PHE A 170 4.52 0.87 -11.24
N MET A 171 5.55 1.51 -10.68
CA MET A 171 6.46 0.82 -9.72
C MET A 171 5.69 0.47 -8.45
N VAL A 172 5.25 1.49 -7.71
CA VAL A 172 4.48 1.24 -6.45
C VAL A 172 3.19 2.06 -6.47
N GLY A 173 2.83 2.65 -7.61
CA GLY A 173 1.68 3.57 -7.67
C GLY A 173 0.30 2.95 -7.38
N PRO A 174 -0.77 3.73 -7.05
CA PRO A 174 -2.08 3.17 -6.70
C PRO A 174 -2.86 2.59 -7.87
N GLN A 175 -3.67 1.57 -7.61
CA GLN A 175 -4.53 1.01 -8.69
C GLN A 175 -5.53 2.10 -9.09
N PHE A 176 -5.79 2.23 -10.39
CA PHE A 176 -6.78 3.22 -10.87
C PHE A 176 -7.81 2.49 -11.75
N SER A 177 -9.08 2.83 -11.61
CA SER A 177 -10.12 2.08 -12.36
C SER A 177 -9.86 2.27 -13.85
N MET A 178 -10.00 1.20 -14.63
CA MET A 178 -9.84 1.33 -16.10
C MET A 178 -10.84 2.39 -16.57
N THR A 179 -12.09 2.29 -16.08
CA THR A 179 -13.10 3.25 -16.54
C THR A 179 -12.58 4.68 -16.34
N ASP A 180 -12.04 4.95 -15.14
CA ASP A 180 -11.46 6.25 -14.74
C ASP A 180 -10.14 6.56 -15.48
N TYR A 181 -9.40 5.53 -15.92
CA TYR A 181 -8.16 5.68 -16.68
C TYR A 181 -8.47 6.19 -18.08
N GLN A 182 -9.47 5.59 -18.72
CA GLN A 182 -9.87 6.05 -20.08
C GLN A 182 -10.35 7.49 -19.96
N LYS A 183 -10.93 7.84 -18.81
CA LYS A 183 -11.42 9.23 -18.62
C LYS A 183 -10.23 10.17 -18.70
N LEU A 184 -9.08 9.78 -18.15
CA LEU A 184 -7.90 10.67 -18.13
C LEU A 184 -7.48 10.96 -19.57
N ALA A 185 -7.56 9.97 -20.44
CA ALA A 185 -7.21 10.18 -21.87
C ALA A 185 -8.14 11.27 -22.40
N LYS A 186 -9.38 11.27 -21.93
CA LYS A 186 -10.36 12.29 -22.38
C LYS A 186 -10.35 13.47 -21.41
N GLY A 187 -11.40 13.61 -20.59
CA GLY A 187 -11.53 14.80 -19.71
C GLY A 187 -11.06 14.58 -18.28
N GLU A 188 -10.40 13.45 -18.00
CA GLU A 188 -9.92 13.12 -16.63
C GLU A 188 -11.13 13.06 -15.68
N MET A 189 -12.35 13.13 -16.22
CA MET A 189 -13.59 13.15 -15.37
C MET A 189 -13.53 14.34 -14.41
N ARG A 196 -12.70 19.27 -15.11
CA ARG A 196 -11.82 19.53 -13.97
C ARG A 196 -10.64 20.45 -14.37
N PRO A 197 -10.15 21.41 -13.52
CA PRO A 197 -9.07 22.29 -13.96
C PRO A 197 -7.65 21.74 -13.74
N ASN A 198 -6.76 21.96 -14.72
CA ASN A 198 -5.35 21.52 -14.58
C ASN A 198 -4.68 22.38 -13.50
N SER A 199 -3.80 21.77 -12.69
CA SER A 199 -3.16 22.52 -11.58
C SER A 199 -1.76 21.97 -11.28
N PHE A 200 -0.91 22.79 -10.67
CA PHE A 200 0.48 22.39 -10.32
C PHE A 200 0.64 22.65 -8.82
N VAL A 201 -0.31 23.36 -8.22
CA VAL A 201 -0.20 23.76 -6.79
C VAL A 201 -0.37 22.57 -5.84
N PRO A 202 -1.35 21.64 -6.01
CA PRO A 202 -1.46 20.50 -5.09
C PRO A 202 -0.30 19.52 -5.33
N ALA A 203 0.17 19.45 -6.57
CA ALA A 203 1.27 18.55 -6.94
C ALA A 203 2.53 18.90 -6.14
N LEU A 204 2.73 20.22 -5.87
CA LEU A 204 3.85 20.74 -5.08
C LEU A 204 3.69 20.35 -3.61
N LYS A 205 2.43 20.32 -3.12
CA LYS A 205 2.07 19.99 -1.74
C LYS A 205 2.45 18.54 -1.38
N ARG A 206 2.08 17.57 -2.23
CA ARG A 206 2.41 16.16 -2.04
C ARG A 206 3.89 15.85 -2.32
N LEU A 207 4.57 16.72 -3.10
CA LEU A 207 5.99 16.59 -3.40
C LEU A 207 6.84 17.12 -2.25
N SER A 208 6.51 18.33 -1.72
CA SER A 208 7.21 18.96 -0.59
C SER A 208 7.07 18.14 0.68
N LEU A 209 5.87 17.57 0.91
CA LEU A 209 5.59 16.68 2.05
C LEU A 209 6.26 15.33 1.81
N GLY A 210 6.36 14.93 0.54
CA GLY A 210 7.01 13.69 0.13
C GLY A 210 8.52 13.72 0.34
N LEU A 211 9.14 14.89 0.05
CA LEU A 211 10.58 15.11 0.22
C LEU A 211 10.96 15.34 1.68
N LEU A 212 10.01 15.87 2.49
CA LEU A 212 10.16 16.12 3.94
C LEU A 212 10.41 14.79 4.67
N PHE A 213 9.69 13.74 4.27
CA PHE A 213 9.78 12.38 4.83
C PHE A 213 11.03 11.65 4.31
N LEU A 214 11.53 12.03 3.11
CA LEU A 214 12.75 11.47 2.51
C LEU A 214 13.97 11.90 3.34
N VAL A 215 13.97 13.17 3.80
CA VAL A 215 15.02 13.74 4.65
C VAL A 215 15.00 12.98 5.99
N THR A 216 13.78 12.76 6.53
CA THR A 216 13.55 12.04 7.78
C THR A 216 14.04 10.59 7.68
N TYR A 217 13.80 9.91 6.53
CA TYR A 217 14.22 8.53 6.31
C TYR A 217 15.73 8.40 6.17
N THR A 218 16.35 9.12 5.21
CA THR A 218 17.79 9.10 4.91
C THR A 218 18.68 9.45 6.13
N LEU A 219 18.17 10.27 7.05
CA LEU A 219 18.88 10.66 8.26
C LEU A 219 18.70 9.63 9.40
N SER A 220 17.51 9.00 9.48
CA SER A 220 17.19 8.01 10.52
C SER A 220 17.73 6.61 10.22
N SER A 221 17.50 6.09 9.00
CA SER A 221 17.92 4.75 8.55
C SER A 221 19.37 4.32 8.95
N PRO A 222 20.44 5.18 8.92
CA PRO A 222 21.74 4.65 9.32
C PRO A 222 21.94 4.47 10.84
N TYR A 223 21.49 5.44 11.68
CA TYR A 223 21.68 5.37 13.13
C TYR A 223 20.64 4.45 13.83
N ILE A 224 19.64 3.93 13.08
CA ILE A 224 18.62 2.99 13.55
C ILE A 224 18.20 2.10 12.36
N SER A 225 18.73 0.85 12.36
CA SER A 225 18.54 -0.15 11.29
C SER A 225 17.91 -1.48 11.71
N GLU A 226 17.68 -2.38 10.72
CA GLU A 226 17.07 -3.71 10.85
C GLU A 226 17.98 -4.75 11.49
N GLU A 227 19.22 -4.91 10.97
CA GLU A 227 20.23 -5.87 11.44
C GLU A 227 20.58 -5.74 12.94
N TYR A 228 20.17 -4.61 13.56
CA TYR A 228 20.34 -4.29 14.97
C TYR A 228 19.42 -5.16 15.83
N LEU A 229 18.23 -5.51 15.30
CA LEU A 229 17.23 -6.32 15.98
C LEU A 229 17.66 -7.78 16.15
N ILE A 230 18.46 -8.30 15.21
CA ILE A 230 18.98 -9.68 15.23
C ILE A 230 20.39 -9.76 15.84
N SER A 231 21.07 -8.60 15.99
CA SER A 231 22.43 -8.52 16.56
C SER A 231 22.46 -8.83 18.04
N ASP A 232 23.36 -9.71 18.48
CA ASP A 232 23.34 -10.13 19.89
C ASP A 232 23.90 -9.00 20.77
N ASP A 233 24.45 -7.96 20.13
CA ASP A 233 25.09 -6.85 20.89
C ASP A 233 24.01 -6.01 21.57
N TYR A 234 23.93 -6.07 22.90
CA TYR A 234 22.97 -5.23 23.68
C TYR A 234 21.57 -5.82 23.54
N MET A 235 21.42 -6.84 22.69
CA MET A 235 20.04 -7.34 22.46
C MET A 235 19.60 -8.20 23.63
N GLU A 236 20.36 -8.21 24.72
CA GLU A 236 19.90 -8.92 25.93
C GLU A 236 20.00 -7.96 27.11
N LYS A 237 20.71 -6.85 26.93
CA LYS A 237 21.00 -5.93 28.06
C LYS A 237 19.83 -5.14 28.67
N PRO A 238 18.91 -4.48 27.93
CA PRO A 238 17.92 -3.58 28.55
C PRO A 238 16.49 -3.99 28.92
N PHE A 239 15.83 -4.84 28.14
CA PHE A 239 14.40 -5.23 28.37
C PHE A 239 13.46 -4.07 28.05
N TRP A 240 13.57 -2.95 28.79
CA TRP A 240 12.72 -1.77 28.52
C TRP A 240 13.08 -1.15 27.17
N PHE A 241 14.37 -1.06 26.85
CA PHE A 241 14.80 -0.43 25.57
C PHE A 241 14.75 -1.50 24.50
N ARG A 242 14.74 -2.77 24.93
CA ARG A 242 14.61 -3.86 23.95
C ARG A 242 13.32 -3.66 23.14
N CYS A 243 12.24 -3.24 23.83
CA CYS A 243 10.94 -2.92 23.25
C CYS A 243 10.95 -1.47 22.76
N GLY A 244 11.77 -0.64 23.42
CA GLY A 244 11.94 0.77 23.10
C GLY A 244 12.49 1.01 21.71
N TYR A 245 13.44 0.16 21.27
CA TYR A 245 14.04 0.21 19.95
C TYR A 245 12.99 -0.16 18.91
N ILE A 246 12.10 -1.12 19.24
CA ILE A 246 11.01 -1.60 18.40
C ILE A 246 9.92 -0.52 18.20
N LEU A 247 9.85 0.47 19.11
CA LEU A 247 8.89 1.59 19.03
C LEU A 247 9.39 2.62 18.02
N VAL A 248 10.69 3.01 18.13
CA VAL A 248 11.35 3.98 17.25
C VAL A 248 11.47 3.38 15.84
N TRP A 249 11.91 2.10 15.74
CA TRP A 249 11.98 1.35 14.48
C TRP A 249 10.54 0.94 14.14
N GLY A 250 10.24 0.77 12.85
CA GLY A 250 8.89 0.41 12.42
C GLY A 250 7.94 1.59 12.52
N LYS A 251 8.52 2.79 12.55
CA LYS A 251 7.89 4.11 12.63
C LYS A 251 8.74 4.99 11.72
N ILE A 252 10.04 4.63 11.60
CA ILE A 252 11.04 5.29 10.76
C ILE A 252 11.35 4.44 9.50
N ILE A 253 11.11 3.11 9.57
CA ILE A 253 11.36 2.22 8.44
C ILE A 253 10.23 2.31 7.40
N LEU A 254 8.95 2.47 7.84
CA LEU A 254 7.82 2.56 6.91
C LEU A 254 7.79 3.90 6.15
N TYR A 255 8.67 4.84 6.51
CA TYR A 255 8.82 6.13 5.83
C TYR A 255 9.35 6.01 4.39
N LYS A 256 9.95 4.82 4.03
CA LYS A 256 10.43 4.53 2.68
C LYS A 256 9.22 4.36 1.75
N TYR A 257 8.12 3.81 2.29
CA TYR A 257 6.85 3.62 1.58
C TYR A 257 6.16 4.98 1.48
N VAL A 258 6.09 5.72 2.62
CA VAL A 258 5.50 7.05 2.76
C VAL A 258 6.05 8.02 1.71
N THR A 259 7.38 8.09 1.60
CA THR A 259 8.01 9.03 0.64
C THR A 259 7.68 8.58 -0.79
N CYS A 260 7.57 7.28 -1.00
CA CYS A 260 7.36 6.77 -2.39
C CYS A 260 5.87 6.66 -2.70
N TRP A 261 5.02 7.22 -1.84
CA TRP A 261 3.56 7.23 -2.15
C TRP A 261 3.12 8.69 -2.28
N LEU A 262 3.88 9.62 -1.72
CA LEU A 262 3.55 11.04 -1.75
C LEU A 262 4.15 11.69 -2.99
N VAL A 263 5.39 11.28 -3.36
CA VAL A 263 6.10 11.76 -4.55
C VAL A 263 5.46 11.07 -5.78
N THR A 264 5.01 9.81 -5.61
CA THR A 264 4.33 9.00 -6.64
C THR A 264 2.93 9.58 -6.90
N GLU A 265 2.29 10.18 -5.86
CA GLU A 265 0.98 10.82 -6.03
C GLU A 265 1.15 12.19 -6.69
N GLY A 266 2.30 12.83 -6.44
CA GLY A 266 2.65 14.13 -7.00
C GLY A 266 2.63 14.16 -8.51
N VAL A 267 3.11 13.06 -9.15
CA VAL A 267 3.08 12.90 -10.61
C VAL A 267 1.65 12.54 -11.05
N CYS A 268 0.98 11.66 -10.27
CA CYS A 268 -0.40 11.20 -10.52
C CYS A 268 -1.41 12.35 -10.51
N ILE A 269 -1.16 13.41 -9.70
CA ILE A 269 -2.03 14.58 -9.60
C ILE A 269 -1.63 15.68 -10.63
N LEU A 270 -0.34 15.77 -11.00
CA LEU A 270 0.18 16.74 -11.97
C LEU A 270 -0.45 16.52 -13.36
N VAL A 271 -0.64 15.23 -13.75
CA VAL A 271 -1.27 14.80 -15.01
C VAL A 271 -2.76 15.17 -14.97
N GLY A 272 -3.40 14.91 -13.83
CA GLY A 272 -4.82 15.19 -13.59
C GLY A 272 -5.61 14.01 -13.04
N LEU A 273 -4.97 12.83 -12.96
CA LEU A 273 -5.58 11.59 -12.46
C LEU A 273 -5.84 11.64 -10.95
N GLY A 274 -5.02 12.40 -10.22
CA GLY A 274 -5.10 12.58 -8.77
C GLY A 274 -6.36 13.25 -8.27
N TYR A 275 -7.13 13.85 -9.20
CA TYR A 275 -8.34 14.61 -8.80
C TYR A 275 -9.56 13.70 -8.62
N ASN A 276 -10.11 13.63 -7.41
CA ASN A 276 -11.34 12.84 -7.16
C ASN A 276 -12.56 13.50 -7.82
N GLY A 277 -12.66 14.83 -7.75
CA GLY A 277 -13.87 15.51 -8.26
C GLY A 277 -13.94 16.94 -7.74
N ASN A 278 -15.12 17.37 -7.24
CA ASN A 278 -15.25 18.72 -6.62
C ASN A 278 -16.23 18.67 -5.44
N ASP A 279 -16.16 19.66 -4.53
CA ASP A 279 -17.03 19.71 -3.36
C ASP A 279 -18.17 20.75 -3.51
N GLN A 280 -18.87 21.05 -2.40
CA GLN A 280 -20.01 21.98 -2.33
C GLN A 280 -19.63 23.43 -2.68
N ASN A 281 -18.39 23.85 -2.35
CA ASN A 281 -17.86 25.19 -2.60
C ASN A 281 -17.33 25.38 -4.04
N GLY A 282 -17.36 24.30 -4.83
CA GLY A 282 -16.86 24.30 -6.20
C GLY A 282 -15.40 23.88 -6.29
N LYS A 283 -14.71 23.91 -5.14
CA LYS A 283 -13.29 23.56 -4.96
C LYS A 283 -13.09 22.07 -5.35
N PRO A 284 -12.09 21.74 -6.20
CA PRO A 284 -11.90 20.35 -6.59
C PRO A 284 -11.24 19.47 -5.53
N VAL A 285 -11.66 18.19 -5.47
CA VAL A 285 -11.16 17.18 -4.52
C VAL A 285 -9.84 16.59 -5.06
N TRP A 286 -8.92 16.19 -4.15
CA TRP A 286 -7.60 15.65 -4.51
C TRP A 286 -7.31 14.23 -3.98
N ASP A 287 -8.27 13.62 -3.26
CA ASP A 287 -8.09 12.30 -2.67
C ASP A 287 -8.67 11.15 -3.54
N ALA A 288 -8.32 11.13 -4.86
CA ALA A 288 -8.74 10.06 -5.77
C ALA A 288 -7.76 8.91 -5.65
N CYS A 289 -6.50 9.13 -6.03
CA CYS A 289 -5.44 8.14 -5.92
C CYS A 289 -4.46 8.49 -4.79
N ALA A 290 -5.02 8.95 -3.66
CA ALA A 290 -4.26 9.29 -2.45
C ALA A 290 -4.10 8.01 -1.64
N ASN A 291 -2.85 7.55 -1.53
CA ASN A 291 -2.49 6.32 -0.83
C ASN A 291 -2.12 6.60 0.64
N MET A 292 -2.35 7.85 1.12
CA MET A 292 -2.03 8.30 2.48
C MET A 292 -2.91 9.48 2.93
N LYS A 293 -2.92 9.72 4.25
CA LYS A 293 -3.61 10.91 4.87
C LYS A 293 -2.68 11.21 6.05
N VAL A 294 -1.68 12.07 5.88
CA VAL A 294 -0.62 12.25 6.91
C VAL A 294 -1.09 12.72 8.29
N TRP A 295 -1.93 13.77 8.37
CA TRP A 295 -2.28 14.28 9.73
C TRP A 295 -3.06 13.20 10.46
N LEU A 296 -3.57 12.24 9.70
CA LEU A 296 -4.41 11.19 10.29
C LEU A 296 -3.67 9.85 10.45
N TYR A 297 -2.59 9.65 9.69
CA TYR A 297 -1.80 8.40 9.83
C TYR A 297 -0.65 8.67 10.79
N GLU A 298 -0.69 9.86 11.39
CA GLU A 298 0.31 10.23 12.43
C GLU A 298 -0.46 11.14 13.39
N THR A 299 0.03 11.35 14.61
CA THR A 299 -0.69 12.17 15.61
C THR A 299 -2.07 11.57 15.87
N THR A 300 -2.19 10.25 15.73
CA THR A 300 -3.49 9.58 15.90
C THR A 300 -3.46 8.70 17.15
N PRO A 301 -4.25 9.00 18.20
CA PRO A 301 -4.28 8.15 19.37
C PRO A 301 -4.79 6.75 19.01
N LEU A 302 -5.85 6.65 18.20
CA LEU A 302 -6.46 5.32 17.91
C LEU A 302 -5.90 4.81 16.59
N PHE A 303 -5.26 3.64 16.62
CA PHE A 303 -4.59 3.19 15.37
C PHE A 303 -5.59 2.45 14.48
N THR A 304 -6.87 2.42 14.88
CA THR A 304 -7.84 1.82 13.93
C THR A 304 -7.79 2.72 12.70
N GLY A 305 -7.57 4.02 12.90
CA GLY A 305 -7.42 4.92 11.75
C GLY A 305 -6.17 4.59 10.95
N THR A 306 -5.04 4.36 11.61
CA THR A 306 -3.77 4.10 10.88
C THR A 306 -3.89 2.77 10.14
N ILE A 307 -4.20 1.70 10.85
CA ILE A 307 -4.16 0.35 10.22
C ILE A 307 -5.33 0.14 9.27
N ALA A 308 -6.47 0.78 9.54
CA ALA A 308 -7.60 0.68 8.58
C ALA A 308 -7.02 0.73 7.17
N SER A 309 -6.31 1.82 6.86
CA SER A 309 -5.82 1.95 5.48
C SER A 309 -4.57 2.84 5.40
N PHE A 310 -3.42 2.37 5.88
CA PHE A 310 -2.21 3.21 5.67
C PHE A 310 -2.03 3.34 4.17
N ASN A 311 -2.10 2.22 3.45
CA ASN A 311 -2.03 2.25 1.97
C ASN A 311 -3.50 2.23 1.56
N ILE A 312 -4.16 3.38 1.60
CA ILE A 312 -5.63 3.35 1.40
C ILE A 312 -5.95 2.66 0.08
N ASN A 313 -5.21 2.94 -0.98
CA ASN A 313 -5.57 2.35 -2.30
C ASN A 313 -5.36 0.84 -2.22
N THR A 314 -4.18 0.41 -1.79
CA THR A 314 -3.86 -1.02 -1.67
C THR A 314 -4.90 -1.71 -0.77
N ASN A 315 -5.40 -1.00 0.26
CA ASN A 315 -6.40 -1.51 1.20
C ASN A 315 -7.82 -1.44 0.62
N ALA A 316 -8.11 -0.40 -0.19
CA ALA A 316 -9.42 -0.20 -0.83
C ALA A 316 -9.63 -1.21 -1.93
N TRP A 317 -8.55 -1.55 -2.68
CA TRP A 317 -8.61 -2.54 -3.76
C TRP A 317 -9.15 -3.86 -3.22
N VAL A 318 -8.50 -4.39 -2.15
CA VAL A 318 -8.86 -5.65 -1.47
C VAL A 318 -10.29 -5.54 -0.95
N ALA A 319 -10.67 -4.36 -0.42
CA ALA A 319 -12.01 -4.09 0.08
C ALA A 319 -13.07 -4.01 -1.05
N ARG A 320 -12.65 -3.80 -2.31
CA ARG A 320 -13.53 -3.68 -3.48
C ARG A 320 -13.67 -4.96 -4.30
N TYR A 321 -12.53 -5.60 -4.64
CA TYR A 321 -12.48 -6.78 -5.51
C TYR A 321 -12.39 -8.13 -4.77
N VAL A 322 -12.11 -8.11 -3.46
CA VAL A 322 -12.01 -9.34 -2.66
C VAL A 322 -13.14 -9.39 -1.60
N PHE A 323 -13.18 -8.40 -0.68
CA PHE A 323 -14.19 -8.35 0.39
C PHE A 323 -15.60 -8.03 -0.12
N LYS A 324 -15.74 -7.11 -1.06
CA LYS A 324 -17.10 -6.84 -1.61
C LYS A 324 -17.58 -8.09 -2.36
N ARG A 325 -16.72 -8.69 -3.17
CA ARG A 325 -17.11 -9.88 -3.97
C ARG A 325 -17.49 -11.03 -3.03
N LEU A 326 -16.73 -11.22 -1.95
CA LEU A 326 -16.98 -12.33 -1.01
C LEU A 326 -18.26 -12.03 -0.20
N ASN A 331 -21.61 -13.92 3.41
CA ASN A 331 -20.90 -14.57 4.51
C ASN A 331 -19.63 -13.77 4.88
N LYS A 332 -19.83 -12.54 5.39
CA LYS A 332 -18.79 -11.58 5.78
C LYS A 332 -17.85 -12.06 6.90
N LEU A 333 -18.36 -12.91 7.82
CA LEU A 333 -17.60 -13.46 8.95
C LEU A 333 -16.48 -14.40 8.49
N LEU A 334 -16.76 -15.27 7.51
CA LEU A 334 -15.80 -16.22 6.94
C LEU A 334 -14.97 -15.54 5.83
N SER A 335 -15.43 -14.38 5.33
CA SER A 335 -14.76 -13.59 4.30
C SER A 335 -13.51 -12.90 4.84
N GLN A 336 -13.59 -12.37 6.08
CA GLN A 336 -12.52 -11.64 6.80
C GLN A 336 -11.17 -12.36 6.80
N ALA A 337 -11.17 -13.67 7.05
CA ALA A 337 -9.95 -14.49 7.08
C ALA A 337 -9.40 -14.73 5.67
N LEU A 338 -10.27 -15.09 4.70
CA LEU A 338 -9.90 -15.37 3.31
C LEU A 338 -9.47 -14.12 2.52
N ALA A 339 -9.99 -12.93 2.89
CA ALA A 339 -9.64 -11.66 2.24
C ALA A 339 -8.23 -11.24 2.63
N LEU A 340 -7.88 -11.40 3.92
CA LEU A 340 -6.55 -11.08 4.43
C LEU A 340 -5.55 -12.20 4.11
N PHE A 341 -6.06 -13.42 3.81
CA PHE A 341 -5.23 -14.56 3.41
C PHE A 341 -4.70 -14.31 2.00
N PHE A 342 -5.48 -13.61 1.15
CA PHE A 342 -5.10 -13.22 -0.22
C PHE A 342 -3.89 -12.28 -0.17
N LEU A 343 -3.80 -11.42 0.87
CA LEU A 343 -2.69 -10.50 1.11
C LEU A 343 -1.42 -11.27 1.52
N ALA A 344 -1.58 -12.51 2.02
CA ALA A 344 -0.50 -13.43 2.39
C ALA A 344 -0.16 -14.28 1.15
N ILE A 345 -1.11 -14.38 0.22
CA ILE A 345 -0.77 -15.05 -1.07
C ILE A 345 -0.09 -13.97 -1.92
N TRP A 346 -0.31 -12.69 -1.58
CA TRP A 346 0.21 -11.59 -2.44
C TRP A 346 1.74 -11.59 -2.52
N HIS A 347 2.43 -11.80 -1.41
CA HIS A 347 3.92 -11.89 -1.48
C HIS A 347 4.32 -13.28 -1.03
N GLY A 348 4.21 -13.55 0.27
CA GLY A 348 4.47 -14.91 0.79
C GLY A 348 5.96 -15.25 0.79
N LEU A 349 6.85 -14.30 1.10
CA LEU A 349 8.31 -14.58 1.01
C LEU A 349 8.72 -15.61 2.07
N HIS A 350 8.15 -15.51 3.27
CA HIS A 350 8.41 -16.51 4.34
C HIS A 350 7.21 -16.50 5.26
N SER A 351 7.19 -17.33 6.31
CA SER A 351 5.97 -17.25 7.14
C SER A 351 5.73 -15.85 7.73
N GLY A 352 6.77 -15.01 7.73
CA GLY A 352 6.77 -13.64 8.23
C GLY A 352 5.66 -12.74 7.76
N TYR A 353 5.44 -12.64 6.42
CA TYR A 353 4.38 -11.81 5.84
C TYR A 353 2.97 -12.28 6.21
N LEU A 354 2.81 -13.59 6.49
CA LEU A 354 1.53 -14.19 6.91
C LEU A 354 1.23 -13.79 8.36
N VAL A 355 2.28 -13.74 9.22
CA VAL A 355 2.19 -13.37 10.64
C VAL A 355 1.80 -11.87 10.81
N CYS A 356 2.08 -11.04 9.79
CA CYS A 356 1.75 -9.62 9.80
C CYS A 356 0.28 -9.35 9.55
N PHE A 357 -0.36 -10.12 8.66
CA PHE A 357 -1.78 -9.89 8.36
C PHE A 357 -2.68 -10.47 9.45
N GLN A 358 -2.11 -11.32 10.34
CA GLN A 358 -2.80 -11.83 11.52
C GLN A 358 -2.40 -10.96 12.73
N MET A 359 -2.48 -9.64 12.48
CA MET A 359 -2.21 -8.61 13.51
C MET A 359 -3.38 -7.66 13.31
N GLU A 360 -3.72 -7.39 12.05
CA GLU A 360 -4.91 -6.56 11.76
C GLU A 360 -6.11 -7.36 12.25
N LEU A 361 -6.14 -8.65 11.93
CA LEU A 361 -7.21 -9.51 12.45
C LEU A 361 -6.76 -10.03 13.81
N LEU A 362 -6.35 -9.11 14.69
CA LEU A 362 -5.85 -9.51 16.03
C LEU A 362 -5.96 -8.31 16.94
N ILE A 363 -5.00 -7.39 16.85
CA ILE A 363 -5.00 -6.22 17.76
C ILE A 363 -6.07 -5.24 17.31
N VAL A 364 -6.24 -5.06 16.00
CA VAL A 364 -7.20 -4.07 15.49
C VAL A 364 -8.64 -4.43 15.93
N ILE A 365 -9.02 -5.72 15.85
CA ILE A 365 -10.35 -6.21 16.27
C ILE A 365 -10.50 -6.15 17.80
N VAL A 366 -9.38 -6.25 18.54
CA VAL A 366 -9.32 -6.17 20.00
C VAL A 366 -9.40 -4.69 20.42
N GLU A 367 -8.76 -3.79 19.64
CA GLU A 367 -8.74 -2.34 19.87
C GLU A 367 -10.16 -1.78 19.78
N ARG A 368 -10.96 -2.26 18.80
CA ARG A 368 -12.36 -1.87 18.59
C ARG A 368 -13.23 -2.34 19.75
N GLN A 369 -12.88 -3.50 20.36
CA GLN A 369 -13.58 -4.06 21.51
C GLN A 369 -13.36 -3.19 22.74
N VAL A 370 -12.15 -2.59 22.87
CA VAL A 370 -11.81 -1.67 23.97
C VAL A 370 -12.48 -0.30 23.70
N ILE A 371 -12.66 0.05 22.40
CA ILE A 371 -13.34 1.27 21.96
C ILE A 371 -14.83 1.20 22.36
N ASN A 372 -15.45 0.01 22.20
CA ASN A 372 -16.85 -0.20 22.60
C ASN A 372 -16.96 -0.60 24.08
N LEU A 373 -15.84 -1.00 24.73
CA LEU A 373 -15.81 -1.34 26.17
C LEU A 373 -16.14 -0.07 26.96
N VAL A 374 -15.63 1.08 26.47
CA VAL A 374 -15.92 2.41 27.01
C VAL A 374 -17.12 2.98 26.24
N ARG A 375 -17.98 3.74 26.94
CA ARG A 375 -19.20 4.39 26.42
C ARG A 375 -20.33 3.40 26.00
N ASP A 376 -20.04 2.08 25.90
CA ASP A 376 -21.05 1.07 25.49
C ASP A 376 -20.95 -0.26 26.29
N SER A 377 -21.28 -0.19 27.60
CA SER A 377 -21.32 -1.33 28.54
C SER A 377 -22.14 -0.97 29.81
N PRO A 378 -23.02 -1.87 30.33
CA PRO A 378 -23.80 -1.50 31.52
C PRO A 378 -23.10 -1.75 32.86
N THR A 379 -21.78 -2.07 32.83
CA THR A 379 -20.99 -2.36 34.03
C THR A 379 -19.78 -1.44 34.22
N LEU A 380 -18.82 -1.46 33.27
CA LEU A 380 -17.58 -0.68 33.37
C LEU A 380 -17.59 0.66 32.64
N SER A 381 -18.32 0.78 31.50
CA SER A 381 -18.38 2.00 30.69
C SER A 381 -18.93 3.22 31.43
N THR A 382 -19.88 3.02 32.37
CA THR A 382 -20.54 4.07 33.16
C THR A 382 -19.57 5.10 33.77
N LEU A 383 -18.45 4.61 34.35
CA LEU A 383 -17.42 5.46 34.96
C LEU A 383 -16.33 5.88 33.97
N ALA A 384 -16.02 5.03 32.97
CA ALA A 384 -14.98 5.26 31.97
C ALA A 384 -15.45 6.01 30.70
N SER A 385 -16.72 6.46 30.66
CA SER A 385 -17.30 7.19 29.53
C SER A 385 -16.95 8.69 29.56
N ILE A 386 -16.86 9.27 30.77
CA ILE A 386 -16.59 10.70 31.02
C ILE A 386 -15.26 11.20 30.41
N THR A 387 -15.13 12.53 30.26
CA THR A 387 -13.96 13.21 29.68
C THR A 387 -12.67 12.96 30.50
N ALA A 388 -12.78 12.79 31.83
CA ALA A 388 -11.65 12.53 32.73
C ALA A 388 -11.21 11.06 32.67
N LEU A 389 -12.15 10.14 32.40
CA LEU A 389 -11.88 8.70 32.30
C LEU A 389 -12.33 8.15 30.94
N TYR A 394 -4.07 9.53 25.53
CA TYR A 394 -3.45 10.73 24.97
C TYR A 394 -2.00 10.45 24.53
N VAL A 395 -1.04 10.45 25.48
CA VAL A 395 0.38 10.18 25.28
C VAL A 395 0.60 8.68 25.47
N LEU A 396 0.05 8.12 26.57
CA LEU A 396 0.14 6.70 26.94
C LEU A 396 -0.47 5.78 25.89
N GLN A 397 -1.63 6.18 25.30
CA GLN A 397 -2.31 5.41 24.26
C GLN A 397 -1.43 5.32 23.01
N GLN A 398 -0.90 6.46 22.53
CA GLN A 398 -0.02 6.58 21.37
C GLN A 398 1.28 5.76 21.56
N THR A 399 1.87 5.77 22.78
CA THR A 399 3.08 5.03 23.13
C THR A 399 2.84 3.51 23.00
N ASN A 400 1.63 3.06 23.39
CA ASN A 400 1.19 1.67 23.26
C ASN A 400 0.89 1.36 21.79
N HIS A 401 0.32 2.32 21.05
CA HIS A 401 -0.05 2.17 19.65
C HIS A 401 1.14 2.19 18.68
N TRP A 402 2.25 2.89 19.03
CA TRP A 402 3.45 2.87 18.17
C TRP A 402 4.25 1.59 18.38
N MET A 403 4.10 0.99 19.58
CA MET A 403 4.69 -0.29 19.98
C MET A 403 3.94 -1.40 19.22
N PHE A 404 2.61 -1.23 19.10
CA PHE A 404 1.64 -2.08 18.40
C PHE A 404 2.04 -2.23 16.92
N MET A 405 2.58 -1.15 16.33
CA MET A 405 3.03 -1.10 14.94
C MET A 405 4.37 -1.78 14.71
N GLY A 406 5.35 -1.48 15.56
CA GLY A 406 6.70 -2.04 15.49
C GLY A 406 6.75 -3.54 15.57
N TYR A 407 6.10 -4.10 16.61
CA TYR A 407 5.95 -5.53 16.90
C TYR A 407 5.34 -6.29 15.70
N SER A 408 4.43 -5.62 14.99
CA SER A 408 3.72 -6.14 13.83
C SER A 408 4.54 -6.00 12.55
N LEU A 409 5.41 -4.98 12.48
CA LEU A 409 6.28 -4.73 11.33
C LEU A 409 7.57 -5.56 11.40
N VAL A 410 7.87 -6.16 12.57
CA VAL A 410 9.03 -7.03 12.80
C VAL A 410 9.00 -8.23 11.82
N PRO A 411 7.91 -9.05 11.72
CA PRO A 411 7.93 -10.15 10.74
C PRO A 411 7.76 -9.70 9.28
N PHE A 412 7.74 -8.38 9.05
CA PHE A 412 7.71 -7.88 7.65
C PHE A 412 9.12 -7.88 7.07
N CYS A 413 9.78 -6.71 7.03
CA CYS A 413 11.22 -6.54 6.67
C CYS A 413 11.94 -7.86 6.87
N LEU A 414 12.51 -8.12 8.05
CA LEU A 414 12.94 -9.49 8.36
C LEU A 414 11.76 -10.47 8.39
N PHE A 415 11.60 -11.23 7.30
CA PHE A 415 10.51 -12.21 7.13
C PHE A 415 10.90 -13.64 7.49
N THR A 416 12.18 -14.02 7.28
CA THR A 416 12.72 -15.37 7.55
C THR A 416 12.43 -15.84 8.97
N TRP A 417 12.01 -17.12 9.08
CA TRP A 417 11.62 -17.84 10.30
C TRP A 417 12.65 -17.73 11.43
N ASP A 418 13.94 -17.90 11.11
CA ASP A 418 15.03 -17.81 12.09
C ASP A 418 15.30 -16.38 12.55
N LYS A 419 15.15 -15.39 11.65
CA LYS A 419 15.34 -13.97 11.97
C LYS A 419 14.18 -13.41 12.78
N TRP A 420 12.92 -13.68 12.32
CA TRP A 420 11.68 -13.23 12.97
C TRP A 420 11.54 -13.78 14.40
N MET A 421 11.78 -15.09 14.60
CA MET A 421 11.67 -15.73 15.92
C MET A 421 12.72 -15.23 16.92
N LYS A 422 13.93 -14.91 16.44
CA LYS A 422 15.07 -14.43 17.23
C LYS A 422 14.75 -13.21 18.09
N VAL A 423 14.20 -12.15 17.46
CA VAL A 423 13.84 -10.89 18.12
C VAL A 423 12.49 -11.02 18.89
N TYR A 424 11.57 -11.90 18.41
CA TYR A 424 10.27 -12.15 19.02
C TYR A 424 10.40 -12.81 20.40
N LYS A 425 11.30 -13.81 20.54
CA LYS A 425 11.53 -14.51 21.81
C LYS A 425 12.37 -13.68 22.78
N SER A 426 13.18 -12.73 22.25
CA SER A 426 14.04 -11.84 23.02
C SER A 426 13.25 -10.71 23.71
N ILE A 427 12.05 -10.39 23.17
CA ILE A 427 11.18 -9.34 23.72
C ILE A 427 10.07 -9.92 24.62
N TYR A 428 10.21 -11.21 25.02
CA TYR A 428 9.28 -11.95 25.90
C TYR A 428 7.90 -12.18 25.22
N PHE A 429 7.87 -12.07 23.88
CA PHE A 429 6.62 -12.28 23.10
C PHE A 429 5.47 -11.45 23.69
N LEU A 430 5.73 -10.20 24.08
CA LEU A 430 4.69 -9.41 24.79
C LEU A 430 3.42 -9.22 23.96
N GLY A 431 3.54 -8.88 22.68
CA GLY A 431 2.33 -8.56 21.89
C GLY A 431 1.39 -9.74 21.82
N HIS A 432 1.94 -10.92 21.56
CA HIS A 432 1.13 -12.14 21.44
C HIS A 432 0.45 -12.47 22.77
N VAL A 433 1.18 -12.30 23.87
CA VAL A 433 0.61 -12.59 25.21
C VAL A 433 -0.43 -11.53 25.56
N LEU A 434 -0.08 -10.24 25.43
CA LEU A 434 -1.00 -9.16 25.87
C LEU A 434 -2.32 -9.21 25.08
N PHE A 435 -2.25 -9.42 23.76
CA PHE A 435 -3.50 -9.39 22.97
C PHE A 435 -4.41 -10.51 23.44
N PHE A 436 -3.85 -11.70 23.63
CA PHE A 436 -4.67 -12.87 24.02
C PHE A 436 -5.10 -12.65 25.46
N THR A 437 -4.18 -12.15 26.28
CA THR A 437 -4.49 -11.89 27.70
C THR A 437 -5.67 -10.91 27.73
N LEU A 438 -5.61 -9.89 26.88
CA LEU A 438 -6.77 -8.96 26.80
C LEU A 438 -7.96 -9.77 26.32
N LEU A 439 -7.78 -10.65 25.34
CA LEU A 439 -8.95 -11.35 24.75
C LEU A 439 -9.66 -12.23 25.79
N LEU A 440 -8.95 -13.00 26.63
CA LEU A 440 -9.70 -13.78 27.65
C LEU A 440 -10.28 -12.88 28.75
N VAL A 441 -9.51 -11.92 29.25
CA VAL A 441 -9.98 -11.04 30.37
C VAL A 441 -11.06 -10.09 29.85
N LEU A 442 -10.89 -9.55 28.65
CA LEU A 442 -11.84 -8.52 28.14
C LEU A 442 -13.31 -8.89 28.33
N PRO A 443 -13.83 -10.09 27.92
CA PRO A 443 -15.28 -10.29 28.00
C PRO A 443 -15.81 -10.32 29.44
N TYR A 444 -14.90 -10.56 30.41
CA TYR A 444 -15.18 -10.61 31.85
C TYR A 444 -15.10 -9.20 32.46
N ILE A 445 -14.39 -8.26 31.78
CA ILE A 445 -14.30 -6.85 32.17
C ILE A 445 -15.66 -6.20 31.81
N ARG A 446 -16.27 -6.67 30.70
CA ARG A 446 -17.59 -6.27 30.20
C ARG A 446 -18.69 -6.67 31.20
N LYS A 447 -18.36 -7.60 32.13
CA LYS A 447 -19.24 -8.09 33.20
C LYS A 447 -18.88 -7.45 34.56
N LEU A 448 -17.65 -6.92 34.70
CA LEU A 448 -17.16 -6.26 35.92
C LEU A 448 -17.57 -4.78 35.96
#